data_8EDN
#
_entry.id   8EDN
#
_entity_poly.entity_id   1
_entity_poly.type   'polypeptide(L)'
_entity_poly.pdbx_seq_one_letter_code
;MAAHRPVEWVQAVVSRFDEQLPIKTGQQNTHTKVSTEHNKECLINISKYKFSLVISGLTTILKNVNNMRIFGEAAEKNLY
LSQLIILDTLEKCLAGQPKDTMRLDETMLVKQLLPEICHFLHTCREGNQHAAELRNSASGVLFSLSCNNFNAVFSRISTR
LQELTVCSEDNVDVHDIELLQYINVDCAKLKRLLKETAFKFKALKKVAQLAVINSLEKAFWNWVENYPDEFTKLYQIPQT
DMAECAEKLFDLVDGFAESTKRKAAVWPLQIILLILCPEIIQDISKDVVDENNMNKKLFLDSLRKALAGHGGSRQLTESA
AIACVKLCKASTYINWEDNSVIFLLVQSMVVDLKNLLFNPSKPFSRGSQPADVDLMIDCLVSCFRISPHNNQHFKICLAQ
NSPSTFHYVLVNSLHRIITNSALDWWPKIDAVYCHSVELRNMFGETLHKAVQGCGAHPAIRMAPSLTFKEKVTSLKFKEK
PTDLETRSYKYLLLSMVKLIHADPKLLLCNPRKQGPETQGSTAELITGLVQLVPQSHMPEIAQEAMEALLVLHQLDSIDL
WNPDAPVETFWEISSQMLFYICKKLTSHQMLSSTEILKWLREILICRNKFLLKNKQADRSSCHFLLFYGVGCDIPSSGNT
SQMSMDHEELLRTPGASLRKGKGNSSMDSAAGCSGTPPICRQAQTKLEVALYMFLWNPDTEAVLVAMSCFRHLCEEADIR
CGVDEVSVHNLLPNYNTFMEFASVSNMMSTGRAALQKRVMALLRRIEHPTAGNTEAWEDTHAKWEQATKLILNYPKAKME
DGQAAESLHKTIVKRRMSHVSGGGSIDLSDTDSLQEWINMTGFLCALGGVCLQQRSNSGLATYSPPMGPVSERKGSMISV
MSSEGNADTPVSKFMDRLLSLMVCNHEKVGLQIRTNVKDLVGLELSPALYPMLFNKLKNTISKFFDSQGQVLLTDTNTQF
VEQTIAIMKNLLDNHTEGSSEHLGQASIETMMLNLVRYVRVLGNMVHAIQIKTKLCQLVEVMMARRDDLSFCQEMKFRNK
MVEYLTDWVMGTSNQAADDDVKCLTRDLDQASMEAVVSLLAGLPLQPEEGDGVELMEAKSQLFLKYFTLFMNLLNDCSEV
EDESAQTGGRKRGMSRRLASLRHCTVLAMSNLLNANVDSGLMHSIGLGYHKDLQTRATFMEVLTKILQQGTEFDTLAETV
LADRFERLVELVTMMGDQGELPIAMALANVVPCSQWDELARVLVTLFDSRHLLYQLLWNMFSKEVELADSMQTLFRGNSL
ASKIMTFCFKVYGATYLQKLLDPLLRIVITSSDWQHVSFEVDPTRLEPSESLEENQRNLLQMTEKFFHAIISSSSEFPPQ
LRSVCHCLYQVVSQRFPQNSIGAVGSAMFLRFINPAIVSPYEAGILDKKPPPRIERGLKLMSKILQSIANHVLFTKEEHM
RPFNDFVKSNFDAARRFFLDIASDCPTSDAVNHSLSFISDGNVLALHRLLWNNQEKIGQYLSSNRDHKAVGRRPFDKMAT
LLAYLGPPEHKPVADTHWSSLNLTSSKFEEFMTRHQVHEKEEFKALKTLSIFYQAGTSKAGNPIFYYVARRFKTGQINGD
LLIYHVLLTLKPYYAKPYEIVVDLTHTGPSNRFKTDFLSKWFVVFPGFAYDNVSAVYIYNCNSWVREYTKYHERLLTGLK
GSKRLVFIDCPGKLAEHIEHEQQKLPAATLALEEDLKVFHNALKLAHKDTKVSIKVGSTAVQVTSAERTKVLGQSVFLND
IYYASEIEEICLVDENQFTLTIANQGTPLTFMHQECEAIVQSIIHIRTRWELSQPDSIPQHTKIRPKDVPGTLLNIALLN
LGSSDPSLRSAAYNLLCALTCTFNLKIEGQLLETSGLCIPANNTLFIVSISKTLAANEPHLTLEFLEECISGFSKSSIEL
KHLCLEYMTPWLSNLVRFCKHNDDAKRQRVTAILDKLITMTINEKQMYPSIQAKIWGSLGQITDLLDVVLDSFIKTSATG
GLGSIKAEVMADTAVALASGNVKLVSSKVIGRMCKIIDKTCLSPTPTLEQHLMWDDIAILARYMLMLSFNNSLDVAAHLP
YLFHVVTFLVATGPLSLRASTHGLVINIIHSLCTCSQLHFSEETKQVLRLSLTEFSLPKFYLLFGISKVKSAAVIAFRSS
YRDRSFSPGSYERETFALTSLETVTEALLEIMEACMRDIPTCKWLDQWTELAQRFAFQYNPSLQPRALVVFGCISKRVSH
GQIKQIIRILSKALESCLKGPDTYNSQVLIEATVIALTKLQPLLNKDSPLHKALFWVAVAVLQLDEVNLYSAGTALLEQN
LHTLDSLRIFNDKSPEEVFMAIRNPLEWHCKQMDHFVGLNFNSNFNFALVGHLLKGYRHPSPAIVARTVRILHTLLTLVN
KHRNCDKFEVNTQSVAYLAALLTVSEEVRSRCSLKHRKSLLLTDISMENVPMDTYPIHHGDPSYRTLKETQPWSSPKGSE
GYLAATYPTVGQTSPRARKSMSLDMGQPSQANTKKLLGTRKSFDHLISDTKAPKRQEMESGITTPPKMRRVAETDYEMET
QRISSSQQHPHLRKVSVSESNVLLDEEVLTDPKIQALLLTVLATLVKYTTDEFDQRILYEYLAEASVVFPKVFPVVHNLL
DSKINTLLSLCQDPNLLNPIHGIVQSVVYHEESPPQYQTSYLQSFGFNGLWRFAGPFSKQTQIPDYAELIVKFLDALIDT
YLPGIDEETSEESLLTPTSPYPPALQSQLSITANLNLSNSMTSLATSQHSPGIDKENVELSPTTGHCNSGRTRHGSASQV
QKQRSAGSFKRNSIKKIV
;
_entity_poly.pdbx_strand_id   A
#
# COMPACT_ATOMS: atom_id res chain seq x y z
N PHE A 51 -22.42 1.35 24.72
CA PHE A 51 -21.13 1.85 25.18
C PHE A 51 -20.45 0.90 26.15
N SER A 52 -20.63 1.15 27.45
CA SER A 52 -19.93 0.35 28.47
C SER A 52 -20.37 -1.10 28.42
N LEU A 53 -21.67 -1.35 28.28
CA LEU A 53 -22.16 -2.73 28.24
C LEU A 53 -21.63 -3.48 27.02
N VAL A 54 -21.65 -2.84 25.86
CA VAL A 54 -21.13 -3.46 24.65
C VAL A 54 -19.64 -3.75 24.79
N ILE A 55 -18.90 -2.79 25.34
CA ILE A 55 -17.46 -2.99 25.54
C ILE A 55 -17.21 -4.15 26.49
N SER A 56 -17.99 -4.23 27.58
CA SER A 56 -17.80 -5.33 28.53
C SER A 56 -18.10 -6.67 27.89
N GLY A 57 -19.19 -6.76 27.12
CA GLY A 57 -19.52 -8.01 26.47
C GLY A 57 -18.47 -8.43 25.46
N LEU A 58 -18.01 -7.48 24.64
CA LEU A 58 -16.98 -7.77 23.66
C LEU A 58 -15.68 -8.20 24.32
N THR A 59 -15.31 -7.51 25.42
CA THR A 59 -14.08 -7.86 26.12
C THR A 59 -14.18 -9.25 26.73
N THR A 60 -15.34 -9.59 27.30
CA THR A 60 -15.53 -10.93 27.85
C THR A 60 -15.42 -11.99 26.78
N ILE A 61 -16.06 -11.74 25.62
CA ILE A 61 -15.98 -12.71 24.52
C ILE A 61 -14.55 -12.88 24.05
N LEU A 62 -13.83 -11.76 23.89
CA LEU A 62 -12.45 -11.83 23.42
C LEU A 62 -11.55 -12.54 24.42
N LYS A 63 -11.74 -12.28 25.72
CA LYS A 63 -10.95 -12.96 26.73
C LYS A 63 -11.23 -14.45 26.74
N ASN A 64 -12.50 -14.83 26.59
CA ASN A 64 -12.85 -16.25 26.51
C ASN A 64 -12.22 -16.90 25.30
N VAL A 65 -12.21 -16.21 24.16
CA VAL A 65 -11.59 -16.76 22.95
C VAL A 65 -10.09 -16.92 23.15
N ASN A 66 -9.44 -15.90 23.72
CA ASN A 66 -8.00 -15.96 23.94
C ASN A 66 -7.64 -17.04 24.95
N ASN A 67 -8.43 -17.17 26.01
CA ASN A 67 -8.22 -18.21 27.02
C ASN A 67 -8.85 -19.49 26.50
N MET A 68 -8.15 -20.16 25.58
CA MET A 68 -8.63 -21.39 24.96
C MET A 68 -7.50 -22.40 24.96
N ARG A 69 -7.76 -23.57 24.37
CA ARG A 69 -6.77 -24.63 24.26
C ARG A 69 -6.35 -24.88 22.82
N ILE A 70 -7.31 -25.16 21.93
CA ILE A 70 -7.06 -25.43 20.52
C ILE A 70 -6.02 -26.54 20.37
N PHE A 71 -6.28 -27.68 21.01
CA PHE A 71 -5.35 -28.81 20.90
C PHE A 71 -5.33 -29.40 19.50
N GLY A 72 -6.48 -29.42 18.82
CA GLY A 72 -6.58 -29.98 17.49
C GLY A 72 -5.96 -29.07 16.45
N GLU A 73 -5.99 -29.54 15.21
CA GLU A 73 -5.40 -28.84 14.07
C GLU A 73 -6.31 -27.75 13.52
N ALA A 74 -7.55 -28.11 13.17
CA ALA A 74 -8.48 -27.12 12.63
C ALA A 74 -8.94 -26.12 13.69
N ALA A 75 -8.80 -26.45 14.97
CA ALA A 75 -9.24 -25.54 16.02
C ALA A 75 -8.45 -24.24 15.99
N GLU A 76 -7.13 -24.31 15.80
CA GLU A 76 -6.31 -23.11 15.73
C GLU A 76 -6.69 -22.26 14.51
N LYS A 77 -6.89 -22.91 13.36
CA LYS A 77 -7.27 -22.17 12.16
C LYS A 77 -8.62 -21.48 12.34
N ASN A 78 -9.58 -22.17 12.96
CA ASN A 78 -10.89 -21.57 13.20
C ASN A 78 -10.78 -20.42 14.18
N LEU A 79 -9.99 -20.58 15.25
CA LEU A 79 -9.82 -19.50 16.22
C LEU A 79 -9.11 -18.31 15.60
N TYR A 80 -8.24 -18.54 14.61
CA TYR A 80 -7.58 -17.43 13.93
C TYR A 80 -8.58 -16.51 13.25
N LEU A 81 -9.57 -17.09 12.56
CA LEU A 81 -10.63 -16.31 11.95
C LEU A 81 -11.58 -15.72 12.99
N SER A 82 -11.88 -16.48 14.04
CA SER A 82 -12.80 -16.00 15.06
C SER A 82 -12.26 -14.76 15.76
N GLN A 83 -10.99 -14.82 16.17
CA GLN A 83 -10.37 -13.68 16.84
C GLN A 83 -10.24 -12.49 15.91
N LEU A 84 -9.92 -12.74 14.64
CA LEU A 84 -9.84 -11.65 13.67
C LEU A 84 -11.19 -10.96 13.51
N ILE A 85 -12.26 -11.74 13.40
CA ILE A 85 -13.60 -11.16 13.26
C ILE A 85 -13.96 -10.38 14.53
N ILE A 86 -13.65 -10.94 15.70
CA ILE A 86 -13.97 -10.27 16.96
C ILE A 86 -13.23 -8.94 17.05
N LEU A 87 -11.94 -8.95 16.70
CA LEU A 87 -11.14 -7.73 16.77
C LEU A 87 -11.64 -6.69 15.77
N ASP A 88 -12.00 -7.13 14.56
CA ASP A 88 -12.54 -6.19 13.58
C ASP A 88 -13.84 -5.56 14.07
N THR A 89 -14.72 -6.38 14.66
CA THR A 89 -15.97 -5.86 15.19
C THR A 89 -15.71 -4.87 16.33
N LEU A 90 -14.77 -5.20 17.21
CA LEU A 90 -14.46 -4.30 18.32
C LEU A 90 -13.87 -2.98 17.81
N GLU A 91 -12.98 -3.05 16.82
CA GLU A 91 -12.39 -1.83 16.27
C GLU A 91 -13.45 -0.98 15.59
N LYS A 92 -14.36 -1.60 14.84
CA LYS A 92 -15.44 -0.85 14.21
C LYS A 92 -16.34 -0.20 15.26
N CYS A 93 -16.63 -0.94 16.34
CA CYS A 93 -17.45 -0.38 17.41
C CYS A 93 -16.76 0.81 18.06
N LEU A 94 -15.46 0.71 18.32
CA LEU A 94 -14.73 1.81 18.92
C LEU A 94 -14.69 3.02 17.99
N ALA A 95 -14.48 2.78 16.69
CA ALA A 95 -14.48 3.89 15.73
C ALA A 95 -15.83 4.57 15.66
N GLY A 96 -16.91 3.78 15.69
CA GLY A 96 -18.24 4.36 15.68
C GLY A 96 -18.56 5.13 16.95
N GLN A 97 -18.03 4.68 18.08
CA GLN A 97 -18.34 5.32 19.35
C GLN A 97 -17.71 6.71 19.38
N PRO A 98 -18.50 7.75 19.68
CA PRO A 98 -17.94 9.11 19.67
C PRO A 98 -16.97 9.34 20.82
N LYS A 99 -16.08 10.30 20.62
CA LYS A 99 -15.16 10.69 21.68
C LYS A 99 -15.88 11.34 22.86
N ASP A 100 -17.10 11.84 22.65
CA ASP A 100 -17.87 12.43 23.73
C ASP A 100 -18.33 11.40 24.76
N THR A 101 -18.19 10.10 24.46
CA THR A 101 -18.52 9.08 25.44
C THR A 101 -17.62 9.18 26.66
N MET A 102 -16.35 9.54 26.46
CA MET A 102 -15.38 9.71 27.54
C MET A 102 -15.25 8.42 28.36
N ARG A 103 -14.73 7.40 27.69
CA ARG A 103 -14.65 6.08 28.29
C ARG A 103 -13.47 5.97 29.26
N LEU A 104 -13.38 6.92 30.19
CA LEU A 104 -12.41 6.80 31.26
C LEU A 104 -12.83 5.76 32.29
N ASP A 105 -14.14 5.55 32.43
CA ASP A 105 -14.66 4.48 33.28
C ASP A 105 -14.29 3.10 32.75
N GLU A 106 -13.84 3.01 31.49
CA GLU A 106 -13.38 1.75 30.90
C GLU A 106 -11.92 1.48 31.17
N THR A 107 -11.38 2.02 32.28
CA THR A 107 -9.99 1.71 32.63
C THR A 107 -9.80 0.22 32.89
N MET A 108 -10.75 -0.40 33.58
CA MET A 108 -10.69 -1.84 33.79
C MET A 108 -10.76 -2.60 32.47
N LEU A 109 -11.61 -2.13 31.55
CA LEU A 109 -11.70 -2.77 30.24
C LEU A 109 -10.39 -2.65 29.48
N VAL A 110 -9.74 -1.49 29.56
CA VAL A 110 -8.46 -1.29 28.89
C VAL A 110 -7.39 -2.18 29.52
N LYS A 111 -7.41 -2.31 30.85
CA LYS A 111 -6.47 -3.19 31.52
C LYS A 111 -6.68 -4.65 31.10
N GLN A 112 -7.94 -5.07 30.97
CA GLN A 112 -8.23 -6.42 30.49
C GLN A 112 -7.77 -6.59 29.05
N LEU A 113 -7.98 -5.58 28.20
CA LEU A 113 -7.54 -5.66 26.82
C LEU A 113 -6.03 -5.71 26.71
N LEU A 114 -5.32 -5.11 27.66
CA LEU A 114 -3.87 -5.24 27.70
C LEU A 114 -3.43 -6.70 27.66
N PRO A 115 -4.07 -7.62 28.38
CA PRO A 115 -3.79 -9.05 28.18
C PRO A 115 -4.71 -9.73 27.17
N GLU A 116 -5.74 -9.04 26.68
CA GLU A 116 -6.67 -9.59 25.71
C GLU A 116 -6.39 -9.11 24.30
N ILE A 117 -6.36 -7.79 24.09
CA ILE A 117 -6.00 -7.27 22.77
C ILE A 117 -4.56 -7.62 22.44
N CYS A 118 -3.68 -7.64 23.44
CA CYS A 118 -2.31 -8.08 23.27
C CYS A 118 -2.10 -9.52 23.76
N HIS A 119 -3.14 -10.35 23.68
CA HIS A 119 -3.00 -11.74 24.07
C HIS A 119 -1.97 -12.48 23.22
N PHE A 120 -1.79 -12.05 21.97
CA PHE A 120 -0.81 -12.64 21.08
C PHE A 120 0.35 -11.72 20.76
N LEU A 121 0.24 -10.43 21.06
CA LEU A 121 1.31 -9.47 20.81
C LEU A 121 2.13 -9.15 22.07
N HIS A 122 1.75 -9.69 23.22
CA HIS A 122 2.56 -9.48 24.43
C HIS A 122 3.94 -10.08 24.26
N THR A 123 4.01 -11.41 24.10
CA THR A 123 5.28 -12.05 23.82
C THR A 123 5.82 -11.63 22.45
N CYS A 124 4.92 -11.41 21.49
CA CYS A 124 5.29 -11.01 20.13
C CYS A 124 6.27 -12.01 19.51
N ARG A 125 6.02 -13.29 19.74
CA ARG A 125 6.88 -14.35 19.21
C ARG A 125 6.20 -15.07 18.05
N GLN A 129 1.08 -16.80 9.70
CA GLN A 129 0.55 -15.63 8.99
C GLN A 129 -0.63 -15.04 9.74
N HIS A 130 -1.39 -15.91 10.42
CA HIS A 130 -2.51 -15.43 11.23
C HIS A 130 -2.03 -14.52 12.35
N ALA A 131 -0.79 -14.71 12.81
CA ALA A 131 -0.22 -13.81 13.81
C ALA A 131 -0.10 -12.40 13.27
N ALA A 132 0.28 -12.25 11.99
CA ALA A 132 0.37 -10.92 11.39
C ALA A 132 -0.99 -10.26 11.29
N GLU A 133 -2.02 -11.01 10.89
CA GLU A 133 -3.36 -10.46 10.82
C GLU A 133 -3.87 -10.06 12.21
N LEU A 134 -3.60 -10.90 13.21
CA LEU A 134 -3.98 -10.55 14.57
C LEU A 134 -3.24 -9.30 15.05
N ARG A 135 -1.97 -9.18 14.68
CA ARG A 135 -1.19 -7.99 15.05
C ARG A 135 -1.78 -6.74 14.41
N ASN A 136 -2.16 -6.83 13.13
CA ASN A 136 -2.76 -5.68 12.46
C ASN A 136 -4.08 -5.30 13.12
N SER A 137 -4.91 -6.30 13.44
CA SER A 137 -6.19 -6.02 14.09
C SER A 137 -5.98 -5.38 15.45
N ALA A 138 -5.02 -5.89 16.22
CA ALA A 138 -4.74 -5.33 17.53
C ALA A 138 -4.18 -3.92 17.43
N SER A 139 -3.35 -3.65 16.41
CA SER A 139 -2.84 -2.31 16.20
C SER A 139 -3.98 -1.34 15.88
N GLY A 140 -4.91 -1.75 15.02
CA GLY A 140 -6.06 -0.92 14.74
C GLY A 140 -6.93 -0.69 15.98
N VAL A 141 -7.13 -1.75 16.77
CA VAL A 141 -7.93 -1.63 17.98
C VAL A 141 -7.27 -0.66 18.97
N LEU A 142 -5.96 -0.78 19.14
CA LEU A 142 -5.25 0.10 20.07
C LEU A 142 -5.24 1.54 19.57
N PHE A 143 -5.13 1.72 18.25
CA PHE A 143 -5.23 3.07 17.69
C PHE A 143 -6.61 3.67 17.96
N SER A 144 -7.65 2.87 17.81
CA SER A 144 -9.00 3.34 18.15
C SER A 144 -9.10 3.67 19.63
N LEU A 145 -8.50 2.86 20.48
CA LEU A 145 -8.52 3.09 21.93
C LEU A 145 -7.83 4.40 22.29
N SER A 146 -6.71 4.69 21.63
CA SER A 146 -5.92 5.87 21.98
C SER A 146 -6.71 7.16 21.77
N CYS A 147 -7.74 7.12 20.92
CA CYS A 147 -8.54 8.32 20.68
C CYS A 147 -9.30 8.75 21.93
N ASN A 148 -9.69 7.80 22.79
CA ASN A 148 -10.45 8.09 23.99
C ASN A 148 -9.67 7.78 25.25
N ASN A 149 -9.19 6.55 25.41
CA ASN A 149 -8.47 6.15 26.61
C ASN A 149 -6.96 6.27 26.42
N PHE A 150 -6.53 7.50 26.11
CA PHE A 150 -5.10 7.75 25.94
C PHE A 150 -4.38 7.84 27.28
N ASN A 151 -5.06 8.39 28.29
CA ASN A 151 -4.41 8.61 29.58
C ASN A 151 -4.00 7.30 30.24
N ALA A 152 -4.89 6.30 30.19
CA ALA A 152 -4.55 5.00 30.79
C ALA A 152 -3.39 4.34 30.07
N VAL A 153 -3.38 4.42 28.73
CA VAL A 153 -2.29 3.83 27.95
C VAL A 153 -0.96 4.52 28.30
N PHE A 154 -0.98 5.85 28.37
CA PHE A 154 0.25 6.57 28.70
C PHE A 154 0.70 6.25 30.12
N SER A 155 -0.23 6.12 31.06
CA SER A 155 0.13 5.78 32.43
C SER A 155 0.76 4.39 32.49
N ARG A 156 0.19 3.43 31.76
CA ARG A 156 0.76 2.10 31.72
C ARG A 156 2.16 2.11 31.11
N ILE A 157 2.34 2.90 30.03
CA ILE A 157 3.65 2.98 29.39
C ILE A 157 4.67 3.58 30.34
N SER A 158 4.30 4.66 31.04
CA SER A 158 5.22 5.31 31.97
C SER A 158 5.58 4.38 33.13
N THR A 159 4.58 3.67 33.67
CA THR A 159 4.85 2.74 34.75
C THR A 159 5.77 1.61 34.29
N ARG A 160 5.53 1.08 33.10
CA ARG A 160 6.39 0.02 32.57
C ARG A 160 7.81 0.51 32.37
N LEU A 161 7.97 1.74 31.84
CA LEU A 161 9.30 2.30 31.64
C LEU A 161 10.02 2.49 32.97
N GLN A 162 9.31 3.01 33.97
CA GLN A 162 9.92 3.21 35.29
C GLN A 162 10.32 1.87 35.91
N GLU A 163 9.47 0.85 35.76
CA GLU A 163 9.80 -0.46 36.32
C GLU A 163 10.98 -1.10 35.60
N LEU A 164 11.05 -0.95 34.28
CA LEU A 164 12.12 -1.57 33.50
C LEU A 164 13.45 -0.83 33.67
N THR A 165 13.41 0.47 33.97
CA THR A 165 14.65 1.20 34.19
C THR A 165 15.38 0.67 35.43
N VAL A 166 14.65 0.38 36.50
CA VAL A 166 15.28 -0.16 37.70
C VAL A 166 15.66 -1.62 37.52
N CYS A 167 14.93 -2.36 36.70
CA CYS A 167 15.22 -3.78 36.48
C CYS A 167 16.47 -3.95 35.64
N ASP A 170 17.58 -11.72 32.08
CA ASP A 170 17.41 -10.47 31.37
C ASP A 170 17.22 -10.72 29.87
N ASN A 171 16.13 -11.40 29.51
CA ASN A 171 15.87 -11.72 28.11
C ASN A 171 15.26 -10.54 27.37
N VAL A 172 14.08 -10.09 27.80
CA VAL A 172 13.41 -8.96 27.17
C VAL A 172 12.39 -8.37 28.14
N ASP A 173 12.38 -7.04 28.25
CA ASP A 173 11.38 -6.34 29.05
C ASP A 173 10.77 -5.16 28.30
N VAL A 174 11.06 -5.00 27.00
CA VAL A 174 10.42 -3.95 26.23
C VAL A 174 8.95 -4.24 26.00
N HIS A 175 8.51 -5.49 26.20
CA HIS A 175 7.11 -5.83 26.14
C HIS A 175 6.35 -5.08 27.24
N ASP A 176 5.20 -4.51 26.87
CA ASP A 176 4.39 -3.61 27.68
C ASP A 176 5.08 -2.27 27.90
N ILE A 177 6.32 -2.09 27.43
CA ILE A 177 6.98 -0.81 27.47
C ILE A 177 7.14 -0.21 26.08
N GLU A 178 7.08 -1.02 25.02
CA GLU A 178 7.08 -0.54 23.65
C GLU A 178 5.67 -0.33 23.12
N LEU A 179 4.69 -0.14 24.00
CA LEU A 179 3.30 0.03 23.59
C LEU A 179 3.07 1.33 22.83
N LEU A 180 4.00 2.28 22.90
CA LEU A 180 3.87 3.52 22.16
C LEU A 180 4.04 3.30 20.65
N GLN A 181 4.46 2.11 20.25
CA GLN A 181 4.66 1.82 18.84
C GLN A 181 3.37 1.96 18.04
N TYR A 182 2.28 1.41 18.55
CA TYR A 182 0.98 1.50 17.89
C TYR A 182 0.05 2.52 18.52
N ILE A 183 0.52 3.28 19.50
CA ILE A 183 -0.32 4.30 20.13
C ILE A 183 -0.46 5.49 19.20
N ASN A 184 -1.70 5.97 19.05
CA ASN A 184 -1.93 7.17 18.26
C ASN A 184 -1.21 8.35 18.88
N VAL A 185 -0.52 9.13 18.06
CA VAL A 185 0.32 10.20 18.55
C VAL A 185 -0.35 11.54 18.27
N ASP A 186 -0.01 12.53 19.10
CA ASP A 186 -0.47 13.90 18.93
C ASP A 186 0.68 14.83 19.29
N CYS A 187 0.62 16.05 18.79
CA CYS A 187 1.71 17.01 18.99
C CYS A 187 2.01 17.20 20.47
N ALA A 188 0.98 17.51 21.26
CA ALA A 188 1.17 17.60 22.71
C ALA A 188 1.54 16.25 23.30
N LYS A 189 0.90 15.18 22.84
CA LYS A 189 1.24 13.84 23.31
C LYS A 189 2.68 13.49 22.96
N LEU A 190 3.09 13.80 21.73
CA LEU A 190 4.47 13.52 21.33
C LEU A 190 5.46 14.33 22.16
N LYS A 191 5.14 15.60 22.44
CA LYS A 191 6.02 16.41 23.27
C LYS A 191 6.11 15.84 24.68
N ARG A 192 4.99 15.40 25.25
CA ARG A 192 5.01 14.82 26.59
C ARG A 192 5.82 13.53 26.63
N LEU A 193 5.65 12.68 25.61
CA LEU A 193 6.44 11.46 25.55
C LEU A 193 7.92 11.76 25.36
N LEU A 194 8.24 12.81 24.61
CA LEU A 194 9.64 13.22 24.47
C LEU A 194 10.20 13.70 25.81
N LYS A 195 9.40 14.43 26.58
CA LYS A 195 9.84 14.86 27.90
C LYS A 195 10.09 13.66 28.81
N GLU A 196 9.19 12.68 28.77
CA GLU A 196 9.37 11.47 29.57
C GLU A 196 10.63 10.72 29.15
N THR A 197 10.87 10.62 27.84
CA THR A 197 12.08 9.97 27.35
C THR A 197 13.32 10.74 27.79
N ALA A 198 13.25 12.07 27.82
CA ALA A 198 14.37 12.86 28.31
C ALA A 198 14.62 12.60 29.79
N PHE A 199 13.56 12.44 30.57
CA PHE A 199 13.68 12.25 32.01
C PHE A 199 14.02 10.82 32.40
N LYS A 200 13.88 9.86 31.47
CA LYS A 200 14.19 8.47 31.79
C LYS A 200 15.21 7.81 30.88
N PHE A 201 15.83 8.52 29.93
CA PHE A 201 16.72 7.88 28.98
C PHE A 201 18.04 7.46 29.63
N LYS A 202 18.63 8.36 30.41
CA LYS A 202 19.98 8.11 30.93
C LYS A 202 19.99 6.93 31.89
N ALA A 203 19.09 6.93 32.87
CA ALA A 203 19.03 5.87 33.88
C ALA A 203 18.18 4.71 33.36
N LEU A 204 18.66 4.11 32.27
CA LEU A 204 17.97 3.00 31.64
C LEU A 204 18.98 2.12 30.93
N LYS A 205 18.57 0.89 30.65
CA LYS A 205 19.42 -0.04 29.92
C LYS A 205 19.57 0.40 28.48
N LYS A 206 20.67 -0.03 27.85
CA LYS A 206 20.89 0.27 26.44
C LYS A 206 19.81 -0.36 25.58
N VAL A 207 19.39 -1.59 25.92
CA VAL A 207 18.30 -2.24 25.19
C VAL A 207 17.01 -1.45 25.34
N ALA A 208 16.72 -0.99 26.56
CA ALA A 208 15.53 -0.17 26.78
C ALA A 208 15.61 1.14 26.00
N GLN A 209 16.79 1.76 25.97
CA GLN A 209 16.97 2.99 25.22
C GLN A 209 16.73 2.77 23.72
N LEU A 210 17.25 1.67 23.20
CA LEU A 210 17.04 1.35 21.78
C LEU A 210 15.58 1.07 21.49
N ALA A 211 14.89 0.37 22.39
CA ALA A 211 13.47 0.12 22.21
C ALA A 211 12.67 1.42 22.22
N VAL A 212 13.01 2.33 23.13
CA VAL A 212 12.36 3.63 23.18
C VAL A 212 12.61 4.40 21.89
N ILE A 213 13.84 4.33 21.37
CA ILE A 213 14.17 5.02 20.12
C ILE A 213 13.35 4.47 18.97
N ASN A 214 13.27 3.14 18.87
CA ASN A 214 12.51 2.51 17.80
C ASN A 214 11.03 2.86 17.89
N SER A 215 10.49 2.85 19.12
CA SER A 215 9.10 3.25 19.29
C SER A 215 8.89 4.71 18.89
N LEU A 216 9.83 5.58 19.27
CA LEU A 216 9.68 7.02 19.02
C LEU A 216 9.71 7.34 17.54
N GLU A 217 10.58 6.67 16.77
CA GLU A 217 10.71 7.03 15.36
C GLU A 217 9.39 6.80 14.62
N LYS A 218 8.77 5.63 14.78
CA LYS A 218 7.54 5.39 14.08
C LYS A 218 6.31 5.93 14.82
N ALA A 219 6.45 6.31 16.09
CA ALA A 219 5.42 7.13 16.71
C ALA A 219 5.37 8.51 16.08
N PHE A 220 6.54 9.10 15.81
CA PHE A 220 6.59 10.34 15.06
C PHE A 220 6.04 10.15 13.64
N TRP A 221 6.36 9.02 13.02
CA TRP A 221 5.78 8.73 11.70
C TRP A 221 4.26 8.67 11.77
N ASN A 222 3.72 8.03 12.83
CA ASN A 222 2.28 7.98 13.03
C ASN A 222 1.70 9.37 13.21
N TRP A 223 2.37 10.21 13.99
CA TRP A 223 1.90 11.57 14.18
C TRP A 223 1.86 12.33 12.86
N VAL A 224 2.89 12.14 12.02
CA VAL A 224 2.92 12.80 10.73
C VAL A 224 1.77 12.31 9.85
N GLU A 225 1.58 10.99 9.80
CA GLU A 225 0.57 10.42 8.92
C GLU A 225 -0.84 10.80 9.36
N ASN A 226 -1.17 10.59 10.63
CA ASN A 226 -2.51 10.88 11.12
C ASN A 226 -2.79 12.38 11.12
N TYR A 227 -1.77 13.18 11.46
CA TYR A 227 -1.91 14.63 11.60
C TYR A 227 -0.88 15.30 10.70
N PRO A 228 -1.10 15.30 9.39
CA PRO A 228 -0.18 16.00 8.50
C PRO A 228 -0.49 17.49 8.43
N ASP A 229 -0.77 18.07 9.58
CA ASP A 229 -0.95 19.51 9.76
C ASP A 229 -0.11 20.06 10.89
N GLU A 230 0.06 19.31 11.98
CA GLU A 230 0.90 19.74 13.08
C GLU A 230 2.38 19.68 12.68
N PHE A 231 2.74 18.71 11.84
CA PHE A 231 4.12 18.61 11.37
C PHE A 231 4.51 19.85 10.57
N THR A 232 3.61 20.30 9.68
CA THR A 232 3.87 21.55 8.97
C THR A 232 3.73 22.76 9.88
N LYS A 233 2.88 22.66 10.91
CA LYS A 233 2.73 23.76 11.85
C LYS A 233 4.01 24.00 12.64
N LEU A 234 4.73 22.92 12.97
CA LEU A 234 6.00 23.07 13.70
C LEU A 234 7.00 23.87 12.89
N TYR A 235 7.10 23.60 11.58
CA TYR A 235 7.98 24.36 10.72
C TYR A 235 7.43 25.74 10.38
N GLN A 236 6.11 25.94 10.54
CA GLN A 236 5.53 27.26 10.34
C GLN A 236 5.68 28.12 11.59
N ILE A 237 5.11 27.66 12.70
CA ILE A 237 5.20 28.34 14.00
C ILE A 237 6.07 27.48 14.91
N PRO A 238 7.24 27.96 15.32
CA PRO A 238 8.12 27.13 16.16
C PRO A 238 7.52 26.89 17.54
N GLN A 239 7.88 25.76 18.13
CA GLN A 239 7.48 25.39 19.49
C GLN A 239 8.74 25.20 20.32
N THR A 240 8.87 26.00 21.38
CA THR A 240 10.08 25.94 22.19
C THR A 240 10.19 24.62 22.95
N ASP A 241 9.07 24.14 23.49
CA ASP A 241 9.10 22.90 24.27
C ASP A 241 9.50 21.71 23.39
N MET A 242 8.94 21.63 22.18
CA MET A 242 9.30 20.56 21.27
C MET A 242 10.77 20.63 20.88
N ALA A 243 11.26 21.84 20.62
CA ALA A 243 12.67 22.00 20.25
C ALA A 243 13.59 21.59 21.39
N GLU A 244 13.26 21.97 22.63
CA GLU A 244 14.07 21.58 23.77
C GLU A 244 14.05 20.06 23.97
N CYS A 245 12.87 19.45 23.83
CA CYS A 245 12.77 18.01 23.95
C CYS A 245 13.59 17.30 22.88
N ALA A 246 13.54 17.81 21.65
CA ALA A 246 14.33 17.24 20.57
C ALA A 246 15.83 17.37 20.83
N GLU A 247 16.26 18.53 21.33
CA GLU A 247 17.68 18.70 21.66
C GLU A 247 18.11 17.74 22.76
N LYS A 248 17.28 17.58 23.79
CA LYS A 248 17.61 16.65 24.87
C LYS A 248 17.67 15.22 24.35
N LEU A 249 16.73 14.85 23.48
CA LEU A 249 16.73 13.50 22.91
C LEU A 249 17.98 13.29 22.05
N PHE A 250 18.37 14.31 21.29
CA PHE A 250 19.60 14.20 20.50
C PHE A 250 20.82 14.03 21.39
N ASP A 251 20.88 14.78 22.49
CA ASP A 251 22.00 14.63 23.42
C ASP A 251 22.03 13.22 24.00
N LEU A 252 20.88 12.70 24.38
CA LEU A 252 20.80 11.35 24.91
C LEU A 252 21.24 10.32 23.87
N VAL A 253 20.82 10.51 22.61
CA VAL A 253 21.20 9.58 21.55
C VAL A 253 22.71 9.65 21.30
N ASP A 254 23.26 10.87 21.26
CA ASP A 254 24.70 11.05 21.13
C ASP A 254 25.44 10.44 22.31
N GLY A 255 24.77 10.28 23.46
CA GLY A 255 25.35 9.50 24.53
C GLY A 255 25.57 8.05 24.12
N PHE A 256 24.71 7.52 23.25
CA PHE A 256 24.87 6.18 22.70
C PHE A 256 25.41 6.29 21.28
N ALA A 257 26.72 6.43 21.17
CA ALA A 257 27.44 6.44 19.91
C ALA A 257 28.65 5.51 19.98
N GLU A 258 28.42 4.29 20.48
CA GLU A 258 29.52 3.41 20.86
C GLU A 258 30.39 3.05 19.67
N SER A 259 29.79 2.55 18.59
CA SER A 259 30.55 2.04 17.46
C SER A 259 29.75 2.26 16.19
N THR A 260 30.17 1.58 15.11
CA THR A 260 29.51 1.74 13.82
C THR A 260 28.06 1.28 13.89
N LYS A 261 27.79 0.17 14.58
CA LYS A 261 26.43 -0.33 14.69
C LYS A 261 25.55 0.62 15.49
N ARG A 262 26.04 1.06 16.66
CA ARG A 262 25.25 1.97 17.48
C ARG A 262 25.06 3.32 16.80
N LYS A 263 26.11 3.84 16.16
CA LYS A 263 25.97 5.10 15.43
C LYS A 263 24.99 4.97 14.27
N ALA A 264 25.05 3.85 13.54
CA ALA A 264 24.13 3.63 12.44
C ALA A 264 22.69 3.56 12.93
N ALA A 265 22.46 2.86 14.05
CA ALA A 265 21.11 2.80 14.62
C ALA A 265 20.64 4.18 15.05
N VAL A 266 21.53 4.97 15.65
CA VAL A 266 21.15 6.30 16.12
C VAL A 266 20.87 7.24 14.95
N TRP A 267 21.57 7.07 13.83
CA TRP A 267 21.40 7.96 12.68
C TRP A 267 19.96 8.08 12.23
N PRO A 268 19.17 7.00 12.11
CA PRO A 268 17.77 7.17 11.73
C PRO A 268 17.00 8.06 12.68
N LEU A 269 17.24 7.94 13.99
CA LEU A 269 16.59 8.84 14.94
C LEU A 269 17.26 10.20 14.96
N GLN A 270 18.58 10.26 14.79
CA GLN A 270 19.28 11.53 14.84
C GLN A 270 18.83 12.46 13.73
N ILE A 271 18.64 11.92 12.52
CA ILE A 271 18.17 12.73 11.40
C ILE A 271 16.77 13.26 11.70
N ILE A 272 15.90 12.42 12.24
CA ILE A 272 14.54 12.84 12.55
C ILE A 272 14.55 13.94 13.60
N LEU A 273 15.36 13.77 14.64
CA LEU A 273 15.45 14.79 15.68
C LEU A 273 16.00 16.10 15.13
N LEU A 274 16.98 16.02 14.23
CA LEU A 274 17.50 17.22 13.58
C LEU A 274 16.42 17.91 12.77
N ILE A 275 15.59 17.13 12.06
CA ILE A 275 14.47 17.70 11.33
C ILE A 275 13.49 18.36 12.28
N LEU A 276 13.31 17.81 13.48
CA LEU A 276 12.41 18.39 14.45
C LEU A 276 12.85 19.77 14.90
N CYS A 277 14.09 20.16 14.64
CA CYS A 277 14.60 21.49 14.97
C CYS A 277 14.93 22.23 13.68
N PRO A 278 14.02 23.07 13.17
CA PRO A 278 14.29 23.79 11.91
C PRO A 278 15.39 24.83 12.04
N GLU A 279 15.28 25.69 13.07
CA GLU A 279 16.25 26.76 13.25
C GLU A 279 17.64 26.21 13.49
N ILE A 280 17.74 25.12 14.27
CA ILE A 280 19.04 24.51 14.52
C ILE A 280 19.65 24.01 13.22
N ILE A 281 18.84 23.35 12.39
CA ILE A 281 19.33 22.85 11.10
C ILE A 281 19.81 23.99 10.22
N GLN A 282 19.05 25.10 10.23
CA GLN A 282 19.48 26.28 9.46
C GLN A 282 20.80 26.84 9.99
N ASP A 283 20.97 26.85 11.31
CA ASP A 283 22.17 27.43 11.92
C ASP A 283 23.39 26.54 11.75
N ILE A 284 23.20 25.23 11.57
CA ILE A 284 24.34 24.32 11.44
C ILE A 284 25.17 24.66 10.22
N SER A 285 24.51 25.05 9.13
CA SER A 285 25.24 25.39 7.90
C SER A 285 26.20 26.54 8.13
N LYS A 286 25.77 27.57 8.86
CA LYS A 286 26.64 28.70 9.18
C LYS A 286 27.74 28.29 10.16
N ASP A 290 27.98 26.91 16.00
CA ASP A 290 28.13 27.09 17.43
C ASP A 290 28.68 25.83 18.08
N GLU A 291 29.31 26.00 19.25
CA GLU A 291 29.88 24.86 19.97
C GLU A 291 28.79 23.89 20.41
N ASN A 292 27.61 24.40 20.80
CA ASN A 292 26.50 23.54 21.15
C ASN A 292 25.98 22.74 19.96
N ASN A 293 26.26 23.19 18.74
CA ASN A 293 25.84 22.50 17.52
C ASN A 293 26.94 21.64 16.92
N MET A 294 28.05 21.45 17.63
CA MET A 294 29.16 20.68 17.10
C MET A 294 28.79 19.22 16.89
N ASN A 295 28.04 18.64 17.82
CA ASN A 295 27.65 17.23 17.69
C ASN A 295 26.76 17.00 16.48
N LYS A 296 25.82 17.92 16.23
CA LYS A 296 24.93 17.78 15.08
C LYS A 296 25.70 17.92 13.77
N LYS A 297 26.65 18.86 13.71
CA LYS A 297 27.47 18.99 12.52
C LYS A 297 28.32 17.74 12.31
N LEU A 298 28.84 17.17 13.41
CA LEU A 298 29.61 15.93 13.30
C LEU A 298 28.75 14.79 12.77
N PHE A 299 27.51 14.69 13.29
CA PHE A 299 26.59 13.61 12.86
C PHE A 299 26.31 13.74 11.36
N LEU A 300 25.91 14.93 10.93
CA LEU A 300 25.63 15.16 9.49
C LEU A 300 26.87 14.74 8.68
N ASP A 301 28.02 15.37 8.96
CA ASP A 301 29.27 15.01 8.25
C ASP A 301 29.34 13.49 8.11
N SER A 302 29.33 12.77 9.24
CA SER A 302 29.37 11.28 9.22
C SER A 302 28.48 10.77 8.08
N LEU A 303 27.18 11.10 8.14
CA LEU A 303 26.23 10.62 7.10
C LEU A 303 26.80 10.91 5.71
N ARG A 304 27.03 12.18 5.38
CA ARG A 304 27.56 12.55 4.04
C ARG A 304 28.60 11.51 3.60
N LYS A 305 29.73 11.43 4.29
CA LYS A 305 30.74 10.40 4.01
C LYS A 305 30.11 9.01 3.99
N ALA A 306 29.51 8.52 5.09
CA ALA A 306 28.96 7.18 4.87
C ALA A 306 28.11 7.12 3.61
N LEU A 307 27.45 8.21 3.24
CA LEU A 307 26.69 8.27 2.01
C LEU A 307 27.58 8.49 0.78
N ALA A 308 28.83 8.85 0.97
CA ALA A 308 29.76 9.11 -0.13
C ALA A 308 30.46 7.85 -0.61
N GLY A 309 30.19 6.70 -0.02
CA GLY A 309 30.85 5.47 -0.41
C GLY A 309 32.34 5.47 -0.14
N HIS A 310 32.75 5.99 1.01
CA HIS A 310 34.16 6.05 1.36
C HIS A 310 34.34 6.18 2.87
N SER A 313 31.41 2.08 5.53
CA SER A 313 31.38 0.74 4.95
C SER A 313 30.02 0.47 4.33
N ARG A 314 29.72 -0.81 4.09
CA ARG A 314 28.45 -1.19 3.48
C ARG A 314 27.28 -0.96 4.44
N GLN A 315 27.42 -1.42 5.69
CA GLN A 315 26.35 -1.25 6.66
C GLN A 315 26.11 0.23 6.98
N LEU A 316 27.19 0.99 7.15
CA LEU A 316 27.05 2.41 7.42
C LEU A 316 26.39 3.13 6.25
N THR A 317 26.79 2.77 5.02
CA THR A 317 26.17 3.38 3.84
C THR A 317 24.70 3.04 3.75
N GLU A 318 24.34 1.79 4.06
CA GLU A 318 22.93 1.39 4.00
C GLU A 318 22.11 2.15 5.05
N SER A 319 22.63 2.26 6.27
CA SER A 319 21.92 2.99 7.31
C SER A 319 21.78 4.47 6.95
N ALA A 320 22.84 5.07 6.42
CA ALA A 320 22.77 6.47 6.00
C ALA A 320 21.78 6.66 4.86
N ALA A 321 21.73 5.70 3.93
CA ALA A 321 20.76 5.78 2.84
C ALA A 321 19.33 5.70 3.39
N ILE A 322 19.09 4.80 4.34
CA ILE A 322 17.75 4.71 4.94
C ILE A 322 17.39 6.01 5.64
N ALA A 323 18.33 6.58 6.39
CA ALA A 323 18.08 7.84 7.08
C ALA A 323 17.79 8.97 6.09
N CYS A 324 18.53 9.02 4.98
CA CYS A 324 18.31 10.06 4.00
C CYS A 324 16.99 9.86 3.26
N VAL A 325 16.56 8.60 3.06
CA VAL A 325 15.25 8.35 2.49
C VAL A 325 14.16 8.84 3.44
N LYS A 326 14.34 8.60 4.74
CA LYS A 326 13.42 9.15 5.73
C LYS A 326 13.42 10.67 5.68
N LEU A 327 14.59 11.27 5.47
CA LEU A 327 14.69 12.72 5.31
C LEU A 327 13.89 13.20 4.11
N CYS A 328 14.00 12.48 2.99
CA CYS A 328 13.24 12.84 1.80
C CYS A 328 11.74 12.72 2.04
N LYS A 329 11.33 11.66 2.73
CA LYS A 329 9.92 11.49 3.05
C LYS A 329 9.41 12.62 3.94
N ALA A 330 10.20 13.01 4.94
CA ALA A 330 9.81 14.11 5.82
C ALA A 330 9.75 15.43 5.04
N SER A 331 10.71 15.65 4.15
CA SER A 331 10.69 16.86 3.32
C SER A 331 9.46 16.90 2.43
N THR A 332 9.06 15.74 1.89
CA THR A 332 7.78 15.68 1.20
C THR A 332 6.63 16.03 2.14
N TYR A 333 6.68 15.52 3.38
CA TYR A 333 5.73 15.93 4.39
C TYR A 333 5.90 17.40 4.77
N ILE A 334 7.10 17.94 4.62
CA ILE A 334 7.32 19.36 4.91
C ILE A 334 6.66 20.21 3.84
N ASN A 335 6.45 21.49 4.17
CA ASN A 335 5.77 22.40 3.26
C ASN A 335 6.57 22.58 1.97
N TRP A 336 5.90 22.39 0.84
CA TRP A 336 6.54 22.62 -0.44
C TRP A 336 6.73 24.10 -0.71
N GLU A 337 5.68 24.90 -0.44
CA GLU A 337 5.78 26.34 -0.63
C GLU A 337 6.81 26.95 0.32
N ASP A 338 6.81 26.50 1.58
CA ASP A 338 7.78 26.97 2.57
C ASP A 338 8.86 25.88 2.70
N ASN A 339 9.83 25.93 1.80
CA ASN A 339 10.91 24.96 1.81
C ASN A 339 11.74 25.07 3.08
N SER A 340 12.05 26.30 3.52
CA SER A 340 12.85 26.55 4.71
C SER A 340 14.21 25.87 4.62
N VAL A 341 14.75 25.78 3.40
CA VAL A 341 16.05 25.17 3.11
C VAL A 341 16.07 23.70 3.51
N ILE A 342 14.90 23.15 3.87
CA ILE A 342 14.79 21.72 4.10
C ILE A 342 14.90 20.97 2.78
N PHE A 343 14.25 21.50 1.73
CA PHE A 343 14.38 20.91 0.40
C PHE A 343 15.82 20.99 -0.10
N LEU A 344 16.50 22.12 0.15
CA LEU A 344 17.90 22.24 -0.23
C LEU A 344 18.77 21.26 0.55
N LEU A 345 18.50 21.11 1.85
CA LEU A 345 19.26 20.16 2.66
C LEU A 345 19.07 18.74 2.15
N VAL A 346 17.85 18.39 1.75
CA VAL A 346 17.59 17.08 1.18
C VAL A 346 18.33 16.92 -0.15
N GLN A 347 18.24 17.94 -1.02
CA GLN A 347 18.88 17.87 -2.32
C GLN A 347 20.40 17.78 -2.21
N SER A 348 20.96 18.22 -1.08
CA SER A 348 22.39 18.07 -0.87
C SER A 348 22.84 16.60 -0.89
N MET A 349 21.97 15.68 -0.49
CA MET A 349 22.28 14.26 -0.52
C MET A 349 21.41 13.46 -1.48
N VAL A 350 20.44 14.10 -2.15
CA VAL A 350 19.64 13.40 -3.14
C VAL A 350 20.52 12.85 -4.26
N VAL A 351 21.55 13.59 -4.65
CA VAL A 351 22.44 13.12 -5.71
C VAL A 351 23.16 11.84 -5.29
N ASP A 352 23.66 11.80 -4.05
CA ASP A 352 24.30 10.60 -3.54
C ASP A 352 23.32 9.44 -3.46
N LEU A 353 22.09 9.71 -3.01
CA LEU A 353 21.08 8.66 -2.97
C LEU A 353 20.78 8.13 -4.36
N LYS A 354 20.73 9.02 -5.35
CA LYS A 354 20.49 8.60 -6.72
C LYS A 354 21.63 7.73 -7.23
N ASN A 355 22.87 8.13 -6.96
CA ASN A 355 24.01 7.31 -7.35
C ASN A 355 24.05 5.97 -6.61
N LEU A 356 23.41 5.88 -5.45
CA LEU A 356 23.38 4.63 -4.69
C LEU A 356 22.29 3.68 -5.15
N LEU A 357 21.03 4.12 -5.05
CA LEU A 357 19.91 3.23 -5.35
C LEU A 357 19.70 3.08 -6.85
N PHE A 358 19.67 4.20 -7.59
CA PHE A 358 19.26 4.20 -8.98
C PHE A 358 20.43 4.05 -9.94
N ASN A 359 21.52 3.43 -9.52
CA ASN A 359 22.60 3.07 -10.43
C ASN A 359 22.41 1.62 -10.85
N PRO A 360 22.26 1.34 -12.15
CA PRO A 360 22.03 -0.05 -12.58
C PRO A 360 23.20 -0.97 -12.27
N SER A 361 24.41 -0.51 -12.57
CA SER A 361 25.60 -1.31 -12.29
C SER A 361 25.78 -1.55 -10.80
N LYS A 362 25.57 -0.52 -10.00
CA LYS A 362 25.74 -0.66 -8.56
C LYS A 362 24.59 -1.47 -7.98
N PRO A 363 24.87 -2.55 -7.24
CA PRO A 363 23.79 -3.33 -6.63
C PRO A 363 23.11 -2.54 -5.51
N PHE A 364 21.86 -2.89 -5.26
CA PHE A 364 21.09 -2.27 -4.20
C PHE A 364 21.43 -2.95 -2.86
N SER A 365 20.75 -2.56 -1.79
CA SER A 365 20.99 -3.11 -0.47
C SER A 365 20.51 -4.56 -0.38
N ALA A 371 13.65 -5.28 0.99
CA ALA A 371 14.41 -4.16 1.53
C ALA A 371 14.73 -3.13 0.45
N ASP A 372 15.37 -3.61 -0.63
CA ASP A 372 15.72 -2.71 -1.72
C ASP A 372 14.48 -2.13 -2.38
N VAL A 373 13.46 -2.95 -2.58
CA VAL A 373 12.26 -2.50 -3.28
C VAL A 373 11.55 -1.41 -2.48
N ASP A 374 11.40 -1.62 -1.18
CA ASP A 374 10.67 -0.65 -0.35
C ASP A 374 11.38 0.69 -0.33
N LEU A 375 12.69 0.68 -0.08
CA LEU A 375 13.44 1.92 -0.03
C LEU A 375 13.46 2.61 -1.39
N MET A 376 13.63 1.84 -2.47
CA MET A 376 13.64 2.43 -3.80
C MET A 376 12.31 3.09 -4.11
N ILE A 377 11.21 2.41 -3.78
CA ILE A 377 9.88 2.98 -4.02
C ILE A 377 9.68 4.24 -3.19
N ASP A 378 10.09 4.22 -1.93
CA ASP A 378 9.94 5.40 -1.08
C ASP A 378 10.72 6.58 -1.64
N CYS A 379 11.97 6.33 -2.05
CA CYS A 379 12.80 7.40 -2.59
C CYS A 379 12.22 7.94 -3.89
N LEU A 380 11.74 7.06 -4.77
CA LEU A 380 11.16 7.51 -6.03
C LEU A 380 9.90 8.32 -5.79
N VAL A 381 9.05 7.87 -4.86
CA VAL A 381 7.83 8.61 -4.55
C VAL A 381 8.17 9.98 -3.97
N SER A 382 9.16 10.05 -3.08
CA SER A 382 9.56 11.32 -2.51
C SER A 382 10.11 12.25 -3.58
N CYS A 383 10.95 11.73 -4.48
CA CYS A 383 11.51 12.54 -5.54
C CYS A 383 10.43 13.08 -6.47
N PHE A 384 9.44 12.23 -6.80
CA PHE A 384 8.33 12.68 -7.63
C PHE A 384 7.50 13.74 -6.91
N ARG A 385 7.28 13.55 -5.61
CA ARG A 385 6.50 14.53 -4.85
C ARG A 385 7.20 15.89 -4.83
N ILE A 386 8.49 15.89 -4.49
CA ILE A 386 9.23 17.15 -4.42
C ILE A 386 9.46 17.70 -5.82
N SER A 387 9.88 16.85 -6.75
CA SER A 387 10.24 17.26 -8.11
C SER A 387 9.49 16.40 -9.11
N PRO A 388 8.23 16.73 -9.41
CA PRO A 388 7.52 15.98 -10.47
C PRO A 388 8.13 16.17 -11.85
N HIS A 389 8.70 17.35 -12.12
CA HIS A 389 9.28 17.59 -13.44
C HIS A 389 10.59 16.84 -13.62
N ASN A 390 11.33 16.63 -12.52
CA ASN A 390 12.63 15.95 -12.59
C ASN A 390 12.42 14.44 -12.67
N ASN A 391 11.85 14.01 -13.81
CA ASN A 391 11.62 12.60 -14.06
C ASN A 391 12.75 11.97 -14.85
N GLN A 392 13.99 12.22 -14.41
CA GLN A 392 15.13 11.58 -15.04
C GLN A 392 15.32 10.16 -14.51
N HIS A 393 15.09 9.95 -13.22
CA HIS A 393 15.25 8.63 -12.63
C HIS A 393 14.22 7.65 -13.19
N PHE A 394 12.97 8.11 -13.34
CA PHE A 394 11.95 7.29 -13.97
C PHE A 394 12.34 6.96 -15.40
N LYS A 395 12.85 7.95 -16.13
CA LYS A 395 13.30 7.71 -17.50
C LYS A 395 14.40 6.67 -17.55
N ILE A 396 15.30 6.69 -16.56
CA ILE A 396 16.35 5.68 -16.50
C ILE A 396 15.75 4.31 -16.21
N CYS A 397 14.73 4.24 -15.35
CA CYS A 397 14.06 2.98 -15.08
C CYS A 397 13.36 2.43 -16.32
N LEU A 398 12.91 3.30 -17.21
CA LEU A 398 12.32 2.89 -18.49
C LEU A 398 13.45 2.63 -19.48
N ALA A 399 14.18 1.56 -19.24
CA ALA A 399 15.28 1.16 -20.10
C ALA A 399 15.37 -0.36 -20.12
N GLN A 400 15.66 -0.91 -21.30
CA GLN A 400 15.78 -2.36 -21.43
C GLN A 400 16.90 -2.91 -20.56
N ASN A 401 18.03 -2.19 -20.51
CA ASN A 401 19.15 -2.63 -19.68
C ASN A 401 18.83 -2.57 -18.19
N SER A 402 17.83 -1.77 -17.80
CA SER A 402 17.46 -1.70 -16.40
C SER A 402 16.89 -3.05 -15.96
N PRO A 403 17.18 -3.48 -14.72
CA PRO A 403 16.70 -4.79 -14.29
C PRO A 403 15.19 -4.81 -14.07
N SER A 404 14.64 -6.02 -14.02
CA SER A 404 13.22 -6.18 -13.76
C SER A 404 12.84 -5.62 -12.39
N THR A 405 13.79 -5.60 -11.45
CA THR A 405 13.54 -4.96 -10.17
C THR A 405 13.31 -3.46 -10.33
N PHE A 406 14.03 -2.83 -11.27
CA PHE A 406 13.81 -1.42 -11.55
C PHE A 406 12.38 -1.20 -12.04
N HIS A 407 11.92 -2.06 -12.96
CA HIS A 407 10.56 -1.94 -13.47
C HIS A 407 9.54 -2.17 -12.36
N TYR A 408 9.78 -3.15 -11.49
CA TYR A 408 8.87 -3.42 -10.39
C TYR A 408 8.79 -2.23 -9.45
N VAL A 409 9.93 -1.61 -9.15
CA VAL A 409 9.95 -0.43 -8.28
C VAL A 409 9.20 0.72 -8.93
N LEU A 410 9.41 0.93 -10.24
CA LEU A 410 8.70 1.99 -10.94
C LEU A 410 7.20 1.75 -10.94
N VAL A 411 6.79 0.50 -11.14
CA VAL A 411 5.37 0.16 -11.11
C VAL A 411 4.79 0.43 -9.73
N ASN A 412 5.50 0.03 -8.69
CA ASN A 412 5.03 0.28 -7.33
C ASN A 412 4.92 1.77 -7.06
N SER A 413 5.90 2.54 -7.53
CA SER A 413 5.87 4.00 -7.34
C SER A 413 4.66 4.60 -8.03
N LEU A 414 4.40 4.21 -9.28
CA LEU A 414 3.25 4.73 -9.99
C LEU A 414 1.95 4.33 -9.30
N HIS A 415 1.88 3.08 -8.82
CA HIS A 415 0.67 2.61 -8.15
C HIS A 415 0.41 3.40 -6.89
N ARG A 416 1.43 3.56 -6.03
CA ARG A 416 1.26 4.31 -4.81
C ARG A 416 1.01 5.79 -5.07
N ILE A 417 1.47 6.31 -6.21
CA ILE A 417 1.03 7.63 -6.65
C ILE A 417 -0.47 7.61 -6.90
N ILE A 418 -0.95 6.57 -7.59
CA ILE A 418 -2.39 6.41 -7.80
C ILE A 418 -3.11 5.92 -6.55
N THR A 419 -2.42 5.19 -5.67
CA THR A 419 -3.04 4.64 -4.47
C THR A 419 -3.18 5.74 -3.41
N ASN A 420 -3.43 5.33 -2.17
CA ASN A 420 -3.68 6.26 -1.08
C ASN A 420 -2.52 7.24 -0.92
N SER A 421 -2.86 8.53 -0.93
CA SER A 421 -1.88 9.59 -0.74
C SER A 421 -2.63 10.85 -0.34
N ALA A 422 -2.05 11.63 0.56
CA ALA A 422 -2.70 12.86 1.01
C ALA A 422 -2.83 13.85 -0.14
N LEU A 423 -3.94 14.58 -0.16
CA LEU A 423 -4.18 15.56 -1.22
C LEU A 423 -3.44 16.86 -0.92
N ASP A 424 -2.14 16.74 -0.63
CA ASP A 424 -1.29 17.87 -0.33
C ASP A 424 -0.62 18.35 -1.62
N TRP A 425 0.44 19.15 -1.49
CA TRP A 425 1.24 19.56 -2.65
C TRP A 425 1.72 18.39 -3.48
N TRP A 426 1.60 17.15 -2.97
CA TRP A 426 1.82 15.92 -3.71
C TRP A 426 1.18 15.99 -5.08
N PRO A 427 1.94 15.78 -6.16
CA PRO A 427 1.35 15.76 -7.49
C PRO A 427 0.45 14.55 -7.68
N LYS A 428 -0.49 14.68 -8.60
CA LYS A 428 -1.47 13.66 -8.89
C LYS A 428 -0.91 12.64 -9.88
N ILE A 429 -1.78 11.76 -10.39
CA ILE A 429 -1.36 10.75 -11.34
C ILE A 429 -0.96 11.34 -12.68
N ASP A 430 -1.28 12.62 -12.92
CA ASP A 430 -0.91 13.28 -14.16
C ASP A 430 0.60 13.43 -14.24
N ALA A 431 1.06 13.96 -15.38
CA ALA A 431 2.48 14.14 -15.68
C ALA A 431 3.24 12.81 -15.71
N VAL A 432 2.51 11.71 -15.86
CA VAL A 432 3.11 10.38 -15.97
C VAL A 432 2.66 9.75 -17.28
N TYR A 433 1.67 10.38 -17.92
CA TYR A 433 1.16 9.90 -19.21
C TYR A 433 2.13 10.13 -20.35
N CYS A 434 3.18 10.93 -20.15
CA CYS A 434 4.18 11.13 -21.19
C CYS A 434 4.92 9.84 -21.50
N HIS A 435 4.90 8.87 -20.57
CA HIS A 435 5.56 7.59 -20.74
C HIS A 435 4.57 6.43 -20.86
N SER A 436 3.31 6.71 -21.22
CA SER A 436 2.31 5.65 -21.31
C SER A 436 2.65 4.67 -22.43
N VAL A 437 3.14 5.17 -23.56
CA VAL A 437 3.48 4.30 -24.67
C VAL A 437 4.57 3.31 -24.25
N GLU A 438 5.62 3.82 -23.61
CA GLU A 438 6.65 2.93 -23.11
C GLU A 438 6.12 2.01 -22.01
N LEU A 439 5.20 2.51 -21.18
CA LEU A 439 4.65 1.69 -20.11
C LEU A 439 3.95 0.46 -20.67
N ARG A 440 3.18 0.64 -21.74
CA ARG A 440 2.59 -0.52 -22.39
C ARG A 440 3.64 -1.31 -23.17
N ASN A 441 4.70 -0.65 -23.64
CA ASN A 441 5.77 -1.37 -24.32
C ASN A 441 6.45 -2.38 -23.40
N MET A 442 6.67 -2.02 -22.14
CA MET A 442 7.29 -2.99 -21.23
C MET A 442 6.39 -4.20 -20.98
N PHE A 443 5.09 -4.00 -20.75
CA PHE A 443 4.30 -5.19 -20.44
C PHE A 443 4.08 -6.02 -21.70
N GLY A 444 4.11 -5.39 -22.87
CA GLY A 444 4.16 -6.17 -24.09
C GLY A 444 5.46 -6.96 -24.21
N GLU A 445 6.57 -6.35 -23.79
CA GLU A 445 7.85 -7.05 -23.80
C GLU A 445 7.84 -8.23 -22.84
N THR A 446 7.13 -8.10 -21.72
CA THR A 446 6.96 -9.23 -20.82
C THR A 446 6.27 -10.39 -21.53
N LEU A 447 5.21 -10.10 -22.28
CA LEU A 447 4.53 -11.07 -23.13
C LEU A 447 4.13 -12.33 -22.36
N HIS A 448 4.08 -12.24 -21.04
CA HIS A 448 3.69 -13.35 -20.17
C HIS A 448 4.57 -14.57 -20.42
N LYS A 449 5.86 -14.41 -20.13
CA LYS A 449 6.84 -15.46 -20.41
C LYS A 449 6.54 -16.74 -19.63
N ALA A 450 5.75 -16.65 -18.57
CA ALA A 450 5.35 -17.85 -17.83
C ALA A 450 4.62 -18.81 -18.75
N VAL A 451 3.70 -18.30 -19.57
CA VAL A 451 3.05 -19.12 -20.57
C VAL A 451 3.69 -18.96 -21.94
N GLN A 452 4.51 -17.94 -22.14
CA GLN A 452 5.18 -17.71 -23.42
C GLN A 452 6.68 -17.91 -23.30
N THR A 482 16.99 -19.47 -13.72
CA THR A 482 15.77 -19.67 -14.50
C THR A 482 14.53 -19.45 -13.65
N ASP A 483 14.45 -20.19 -12.53
CA ASP A 483 13.29 -20.08 -11.66
C ASP A 483 13.15 -18.68 -11.07
N LEU A 484 14.27 -18.07 -10.69
CA LEU A 484 14.23 -16.73 -10.11
C LEU A 484 13.69 -15.72 -11.10
N GLU A 485 14.12 -15.80 -12.37
CA GLU A 485 13.63 -14.88 -13.39
C GLU A 485 12.14 -15.07 -13.61
N THR A 486 11.67 -16.32 -13.66
CA THR A 486 10.25 -16.58 -13.85
C THR A 486 9.43 -16.04 -12.68
N ARG A 487 9.90 -16.26 -11.45
CA ARG A 487 9.18 -15.75 -10.29
C ARG A 487 9.14 -14.23 -10.29
N SER A 488 10.27 -13.59 -10.64
CA SER A 488 10.30 -12.13 -10.73
C SER A 488 9.33 -11.63 -11.79
N TYR A 489 9.28 -12.30 -12.94
CA TYR A 489 8.37 -11.89 -13.99
C TYR A 489 6.92 -12.06 -13.57
N LYS A 490 6.61 -13.15 -12.86
CA LYS A 490 5.24 -13.35 -12.40
C LYS A 490 4.83 -12.28 -11.39
N TYR A 491 5.72 -11.95 -10.45
CA TYR A 491 5.42 -10.89 -9.49
C TYR A 491 5.28 -9.54 -10.18
N LEU A 492 6.11 -9.29 -11.19
CA LEU A 492 6.03 -8.04 -11.94
C LEU A 492 4.72 -7.96 -12.73
N LEU A 493 4.27 -9.11 -13.26
CA LEU A 493 2.96 -9.18 -13.90
C LEU A 493 1.84 -8.87 -12.92
N LEU A 494 1.91 -9.45 -11.71
CA LEU A 494 0.90 -9.16 -10.71
C LEU A 494 0.90 -7.68 -10.35
N SER A 495 2.10 -7.08 -10.28
CA SER A 495 2.20 -5.66 -9.97
C SER A 495 1.56 -4.81 -11.07
N MET A 496 1.83 -5.12 -12.34
CA MET A 496 1.21 -4.32 -13.39
C MET A 496 -0.30 -4.52 -13.40
N VAL A 497 -0.77 -5.72 -13.07
CA VAL A 497 -2.21 -5.96 -13.01
C VAL A 497 -2.83 -5.11 -11.91
N LYS A 498 -2.20 -5.06 -10.74
CA LYS A 498 -2.70 -4.21 -9.67
C LYS A 498 -2.63 -2.74 -10.08
N LEU A 499 -1.63 -2.36 -10.86
CA LEU A 499 -1.56 -1.01 -11.40
C LEU A 499 -2.77 -0.71 -12.27
N ILE A 500 -3.10 -1.62 -13.17
CA ILE A 500 -4.27 -1.43 -14.02
C ILE A 500 -5.54 -1.38 -13.19
N HIS A 501 -5.60 -2.19 -12.13
CA HIS A 501 -6.67 -2.08 -11.15
C HIS A 501 -6.78 -0.65 -10.64
N ALA A 502 -5.67 -0.07 -10.23
CA ALA A 502 -5.68 1.28 -9.69
C ALA A 502 -6.11 2.29 -10.74
N ASP A 503 -5.58 2.17 -11.96
CA ASP A 503 -5.89 3.12 -13.02
C ASP A 503 -5.80 2.45 -14.39
N PRO A 504 -6.87 2.50 -15.19
CA PRO A 504 -6.78 2.00 -16.56
C PRO A 504 -6.17 3.02 -17.52
N LYS A 505 -6.36 4.30 -17.21
CA LYS A 505 -5.95 5.37 -18.13
C LYS A 505 -4.45 5.39 -18.37
N LEU A 506 -3.66 4.77 -17.49
CA LEU A 506 -2.21 4.78 -17.66
C LEU A 506 -1.79 4.06 -18.93
N LEU A 507 -2.45 2.96 -19.27
CA LEU A 507 -2.09 2.19 -20.45
C LEU A 507 -3.06 2.38 -21.61
N LEU A 508 -4.17 3.09 -21.41
CA LEU A 508 -5.19 3.21 -22.44
C LEU A 508 -4.89 4.31 -23.45
N CYS A 509 -3.81 5.07 -23.28
CA CYS A 509 -3.45 6.13 -24.21
C CYS A 509 -2.89 5.48 -25.48
N ASN A 510 -3.80 4.96 -26.30
CA ASN A 510 -3.43 4.20 -27.49
C ASN A 510 -4.09 4.82 -28.72
N PRO A 511 -3.54 5.94 -29.21
CA PRO A 511 -4.09 6.54 -30.43
C PRO A 511 -3.71 5.80 -31.70
N ARG A 512 -2.80 4.82 -31.63
CA ARG A 512 -2.37 4.10 -32.81
C ARG A 512 -3.43 3.11 -33.29
N LYS A 513 -4.46 2.86 -32.48
CA LYS A 513 -5.47 1.85 -32.80
C LYS A 513 -6.37 2.38 -33.90
N GLN A 514 -5.90 2.28 -35.15
CA GLN A 514 -6.69 2.68 -36.30
C GLN A 514 -6.97 1.51 -37.23
N GLY A 515 -5.93 0.78 -37.66
CA GLY A 515 -6.11 -0.35 -38.53
C GLY A 515 -5.49 -1.61 -37.95
N PRO A 516 -4.52 -2.19 -38.65
CA PRO A 516 -3.81 -3.35 -38.10
C PRO A 516 -3.06 -3.05 -36.81
N GLU A 517 -2.75 -1.78 -36.55
CA GLU A 517 -2.09 -1.42 -35.30
C GLU A 517 -2.99 -1.60 -34.09
N THR A 518 -4.31 -1.73 -34.31
CA THR A 518 -5.22 -2.00 -33.19
C THR A 518 -4.89 -3.33 -32.54
N GLN A 519 -4.42 -4.29 -33.32
CA GLN A 519 -3.95 -5.56 -32.76
C GLN A 519 -2.69 -5.40 -31.93
N GLY A 520 -2.04 -4.25 -31.98
CA GLY A 520 -0.95 -3.91 -31.09
C GLY A 520 -1.29 -2.69 -30.24
N SER A 521 -2.51 -2.66 -29.73
CA SER A 521 -3.06 -1.49 -29.07
C SER A 521 -4.01 -1.96 -27.98
N THR A 522 -4.93 -1.08 -27.56
CA THR A 522 -5.94 -1.39 -26.55
C THR A 522 -6.52 -2.79 -26.74
N ALA A 523 -6.76 -3.17 -27.99
CA ALA A 523 -7.22 -4.52 -28.27
C ALA A 523 -6.19 -5.57 -27.84
N GLU A 524 -4.91 -5.31 -28.13
CA GLU A 524 -3.85 -6.23 -27.70
C GLU A 524 -3.78 -6.30 -26.19
N LEU A 525 -3.94 -5.15 -25.51
CA LEU A 525 -3.94 -5.13 -24.06
C LEU A 525 -5.06 -6.00 -23.50
N ILE A 526 -6.28 -5.82 -24.03
CA ILE A 526 -7.41 -6.60 -23.53
C ILE A 526 -7.22 -8.08 -23.83
N THR A 527 -6.72 -8.41 -25.02
CA THR A 527 -6.50 -9.80 -25.38
C THR A 527 -5.47 -10.46 -24.47
N GLY A 528 -4.36 -9.76 -24.21
CA GLY A 528 -3.35 -10.30 -23.31
C GLY A 528 -3.88 -10.46 -21.90
N LEU A 529 -4.68 -9.50 -21.44
CA LEU A 529 -5.26 -9.60 -20.11
C LEU A 529 -6.21 -10.79 -20.03
N VAL A 530 -6.96 -11.04 -21.11
CA VAL A 530 -7.92 -12.15 -21.12
C VAL A 530 -7.19 -13.49 -21.01
N GLN A 531 -6.08 -13.64 -21.73
CA GLN A 531 -5.37 -14.91 -21.76
C GLN A 531 -4.86 -15.33 -20.39
N LEU A 532 -4.75 -14.40 -19.44
CA LEU A 532 -4.31 -14.76 -18.11
C LEU A 532 -5.36 -15.55 -17.35
N VAL A 533 -6.65 -15.31 -17.64
CA VAL A 533 -7.71 -15.98 -16.90
C VAL A 533 -7.68 -17.51 -17.07
N PRO A 534 -7.58 -18.06 -18.28
CA PRO A 534 -7.53 -19.52 -18.40
C PRO A 534 -6.25 -20.13 -17.83
N GLN A 535 -5.21 -19.33 -17.60
CA GLN A 535 -3.95 -19.86 -17.11
C GLN A 535 -4.12 -20.45 -15.71
N SER A 536 -3.82 -21.74 -15.59
CA SER A 536 -3.89 -22.43 -14.31
C SER A 536 -2.57 -22.44 -13.55
N HIS A 537 -1.50 -21.88 -14.13
CA HIS A 537 -0.21 -21.88 -13.45
C HIS A 537 -0.26 -21.08 -12.15
N MET A 538 -0.90 -19.92 -12.16
CA MET A 538 -1.03 -19.07 -10.98
C MET A 538 -2.46 -18.59 -10.86
N PRO A 539 -3.17 -18.93 -9.79
CA PRO A 539 -4.57 -18.52 -9.67
C PRO A 539 -4.75 -17.08 -9.23
N GLU A 540 -3.85 -16.57 -8.37
CA GLU A 540 -4.01 -15.22 -7.86
C GLU A 540 -3.88 -14.18 -8.96
N ILE A 541 -2.94 -14.38 -9.89
CA ILE A 541 -2.82 -13.46 -11.00
C ILE A 541 -4.04 -13.57 -11.91
N ALA A 542 -4.60 -14.77 -12.05
CA ALA A 542 -5.80 -14.93 -12.85
C ALA A 542 -6.95 -14.14 -12.24
N GLN A 543 -7.14 -14.24 -10.92
CA GLN A 543 -8.20 -13.49 -10.26
C GLN A 543 -7.96 -11.98 -10.38
N GLU A 544 -6.71 -11.56 -10.20
CA GLU A 544 -6.41 -10.12 -10.27
C GLU A 544 -6.68 -9.58 -11.67
N ALA A 545 -6.20 -10.27 -12.70
CA ALA A 545 -6.43 -9.83 -14.07
C ALA A 545 -7.90 -9.90 -14.45
N MET A 546 -8.60 -10.89 -13.90
CA MET A 546 -10.03 -11.03 -14.14
C MET A 546 -10.80 -9.85 -13.58
N GLU A 547 -10.52 -9.50 -12.33
CA GLU A 547 -11.14 -8.32 -11.73
C GLU A 547 -10.70 -7.05 -12.44
N ALA A 548 -9.48 -7.05 -12.99
CA ALA A 548 -9.01 -5.90 -13.75
C ALA A 548 -9.80 -5.74 -15.05
N LEU A 549 -10.11 -6.86 -15.71
CA LEU A 549 -10.97 -6.81 -16.89
C LEU A 549 -12.35 -6.27 -16.51
N LEU A 550 -12.89 -6.73 -15.38
CA LEU A 550 -14.14 -6.19 -14.90
C LEU A 550 -14.04 -4.68 -14.67
N VAL A 551 -12.92 -4.23 -14.11
CA VAL A 551 -12.73 -2.81 -13.81
C VAL A 551 -12.66 -1.99 -15.10
N LEU A 552 -11.93 -2.48 -16.09
CA LEU A 552 -11.86 -1.76 -17.35
C LEU A 552 -13.13 -1.90 -18.18
N HIS A 553 -14.06 -2.77 -17.76
CA HIS A 553 -15.25 -2.97 -18.58
C HIS A 553 -16.38 -1.97 -18.28
N GLN A 554 -16.27 -1.16 -17.23
CA GLN A 554 -17.30 -0.15 -17.00
C GLN A 554 -17.23 0.95 -18.05
N LEU A 555 -18.38 1.59 -18.28
CA LEU A 555 -18.54 2.53 -19.38
C LEU A 555 -17.52 3.66 -19.33
N ASP A 556 -17.16 4.09 -18.12
CA ASP A 556 -16.14 5.13 -17.99
C ASP A 556 -14.82 4.66 -18.58
N SER A 557 -14.44 3.42 -18.31
CA SER A 557 -13.24 2.86 -18.91
C SER A 557 -13.47 2.48 -20.37
N ILE A 558 -14.73 2.21 -20.75
CA ILE A 558 -15.03 1.87 -22.14
C ILE A 558 -14.76 3.07 -23.04
N ASP A 559 -15.17 4.27 -22.61
CA ASP A 559 -15.02 5.46 -23.42
C ASP A 559 -13.56 5.80 -23.69
N LEU A 560 -12.63 5.25 -22.91
CA LEU A 560 -11.20 5.55 -23.06
C LEU A 560 -10.48 4.56 -23.95
N TRP A 561 -11.17 3.96 -24.92
CA TRP A 561 -10.59 2.94 -25.78
C TRP A 561 -10.42 3.42 -27.22
N ASN A 562 -11.50 3.85 -27.85
CA ASN A 562 -11.47 4.32 -29.23
C ASN A 562 -12.12 5.69 -29.30
N PRO A 563 -11.35 6.77 -29.44
CA PRO A 563 -11.97 8.10 -29.52
C PRO A 563 -12.86 8.29 -30.73
N ASP A 564 -12.62 7.53 -31.81
CA ASP A 564 -13.39 7.74 -33.03
C ASP A 564 -14.74 7.04 -32.97
N ALA A 565 -14.73 5.71 -32.85
CA ALA A 565 -15.95 4.91 -32.77
C ALA A 565 -15.82 3.95 -31.60
N PRO A 566 -15.99 4.46 -30.37
CA PRO A 566 -15.83 3.58 -29.20
C PRO A 566 -16.80 2.41 -29.17
N VAL A 567 -18.02 2.61 -29.67
CA VAL A 567 -19.04 1.56 -29.58
C VAL A 567 -18.65 0.35 -30.42
N GLU A 568 -18.21 0.58 -31.66
CA GLU A 568 -17.89 -0.53 -32.55
C GLU A 568 -16.69 -1.32 -32.06
N THR A 569 -15.62 -0.63 -31.70
CA THR A 569 -14.43 -1.31 -31.18
C THR A 569 -14.75 -2.04 -29.88
N PHE A 570 -15.54 -1.41 -29.01
CA PHE A 570 -15.94 -2.04 -27.77
C PHE A 570 -16.68 -3.35 -28.03
N TRP A 571 -17.65 -3.32 -28.93
CA TRP A 571 -18.42 -4.52 -29.22
C TRP A 571 -17.54 -5.59 -29.86
N GLU A 572 -16.65 -5.19 -30.77
CA GLU A 572 -15.78 -6.17 -31.43
C GLU A 572 -14.85 -6.85 -30.42
N ILE A 573 -14.22 -6.07 -29.55
CA ILE A 573 -13.28 -6.64 -28.60
C ILE A 573 -14.01 -7.47 -27.55
N SER A 574 -15.20 -7.02 -27.13
CA SER A 574 -16.01 -7.81 -26.22
C SER A 574 -16.39 -9.14 -26.85
N SER A 575 -16.73 -9.12 -28.15
CA SER A 575 -17.03 -10.37 -28.85
C SER A 575 -15.80 -11.27 -28.89
N GLN A 576 -14.62 -10.70 -29.15
CA GLN A 576 -13.41 -11.51 -29.19
C GLN A 576 -13.16 -12.20 -27.85
N MET A 577 -13.23 -11.44 -26.76
CA MET A 577 -12.98 -12.02 -25.45
C MET A 577 -14.08 -13.02 -25.07
N LEU A 578 -15.32 -12.74 -25.47
CA LEU A 578 -16.40 -13.70 -25.24
C LEU A 578 -16.15 -15.00 -26.00
N PHE A 579 -15.67 -14.90 -27.24
CA PHE A 579 -15.26 -16.08 -27.98
C PHE A 579 -14.24 -16.89 -27.17
N TYR A 580 -13.18 -16.22 -26.73
CA TYR A 580 -12.12 -16.94 -26.04
C TYR A 580 -12.64 -17.61 -24.77
N ILE A 581 -13.44 -16.88 -23.99
CA ILE A 581 -13.96 -17.41 -22.73
C ILE A 581 -14.88 -18.59 -23.01
N CYS A 582 -15.73 -18.49 -24.02
CA CYS A 582 -16.66 -19.56 -24.32
C CYS A 582 -15.93 -20.81 -24.81
N LYS A 583 -14.91 -20.65 -25.65
CA LYS A 583 -14.13 -21.80 -26.07
C LYS A 583 -13.42 -22.44 -24.88
N LYS A 584 -12.89 -21.62 -23.98
CA LYS A 584 -12.24 -22.19 -22.79
C LYS A 584 -13.26 -22.94 -21.92
N LEU A 585 -14.46 -22.39 -21.77
CA LEU A 585 -15.46 -23.03 -20.91
C LEU A 585 -15.96 -24.33 -21.51
N THR A 586 -16.28 -24.32 -22.81
CA THR A 586 -16.73 -25.54 -23.47
C THR A 586 -15.62 -26.58 -23.52
N SER A 587 -14.35 -26.14 -23.46
CA SER A 587 -13.25 -27.07 -23.39
C SER A 587 -13.26 -27.87 -22.09
N HIS A 588 -13.91 -27.35 -21.05
CA HIS A 588 -14.14 -28.07 -19.79
C HIS A 588 -12.84 -28.33 -19.04
N GLN A 589 -11.95 -27.35 -19.01
CA GLN A 589 -10.75 -27.39 -18.17
C GLN A 589 -10.72 -26.23 -17.19
N MET A 590 -11.89 -25.72 -16.81
CA MET A 590 -12.01 -24.59 -15.89
C MET A 590 -12.15 -25.15 -14.47
N LEU A 591 -11.01 -25.29 -13.78
CA LEU A 591 -11.03 -25.77 -12.40
C LEU A 591 -11.69 -24.78 -11.45
N SER A 592 -11.76 -23.51 -11.83
CA SER A 592 -12.43 -22.47 -11.05
C SER A 592 -13.63 -21.94 -11.82
N SER A 593 -14.40 -22.84 -12.42
CA SER A 593 -15.48 -22.46 -13.32
C SER A 593 -16.55 -21.63 -12.63
N THR A 594 -16.71 -21.80 -11.32
CA THR A 594 -17.71 -21.02 -10.58
C THR A 594 -17.39 -19.53 -10.64
N GLU A 595 -16.16 -19.16 -10.29
CA GLU A 595 -15.77 -17.76 -10.33
C GLU A 595 -15.79 -17.21 -11.75
N ILE A 596 -15.38 -18.05 -12.72
CA ILE A 596 -15.40 -17.63 -14.12
C ILE A 596 -16.82 -17.30 -14.56
N LEU A 597 -17.77 -18.15 -14.19
CA LEU A 597 -19.17 -17.89 -14.52
C LEU A 597 -19.67 -16.63 -13.83
N LYS A 598 -19.28 -16.42 -12.58
CA LYS A 598 -19.70 -15.21 -11.88
C LYS A 598 -19.19 -13.95 -12.58
N TRP A 599 -17.90 -13.95 -12.92
CA TRP A 599 -17.33 -12.78 -13.59
C TRP A 599 -17.93 -12.61 -14.98
N LEU A 600 -18.28 -13.72 -15.63
CA LEU A 600 -18.95 -13.62 -16.92
C LEU A 600 -20.34 -13.00 -16.78
N ARG A 601 -21.03 -13.32 -15.68
CA ARG A 601 -22.29 -12.65 -15.39
C ARG A 601 -22.07 -11.16 -15.23
N GLU A 602 -21.02 -10.78 -14.50
CA GLU A 602 -20.73 -9.36 -14.32
C GLU A 602 -20.44 -8.68 -15.65
N ILE A 603 -19.65 -9.34 -16.50
CA ILE A 603 -19.30 -8.79 -17.81
C ILE A 603 -20.55 -8.62 -18.66
N LEU A 604 -21.44 -9.63 -18.64
CA LEU A 604 -22.69 -9.52 -19.38
C LEU A 604 -23.55 -8.38 -18.85
N ILE A 605 -23.62 -8.23 -17.52
CA ILE A 605 -24.40 -7.15 -16.94
C ILE A 605 -23.87 -5.80 -17.40
N CYS A 606 -22.56 -5.64 -17.37
CA CYS A 606 -21.95 -4.38 -17.81
C CYS A 606 -22.19 -4.14 -19.29
N ARG A 607 -22.11 -5.20 -20.10
CA ARG A 607 -22.37 -5.07 -21.53
C ARG A 607 -23.78 -4.60 -21.79
N ASN A 608 -24.75 -5.18 -21.07
CA ASN A 608 -26.15 -4.77 -21.24
C ASN A 608 -26.36 -3.35 -20.75
N LYS A 609 -25.70 -2.97 -19.65
CA LYS A 609 -25.82 -1.60 -19.15
C LYS A 609 -25.28 -0.60 -20.16
N PHE A 610 -24.12 -0.91 -20.76
CA PHE A 610 -23.57 -0.01 -21.77
C PHE A 610 -24.44 0.02 -23.03
N LEU A 611 -25.04 -1.11 -23.39
CA LEU A 611 -25.95 -1.12 -24.53
C LEU A 611 -27.17 -0.26 -24.25
N LEU A 612 -27.70 -0.32 -23.04
CA LEU A 612 -28.83 0.55 -22.67
C LEU A 612 -28.43 2.02 -22.70
N LYS A 613 -27.22 2.32 -22.20
CA LYS A 613 -26.75 3.71 -22.24
C LYS A 613 -26.61 4.20 -23.68
N ASN A 614 -26.06 3.37 -24.57
CA ASN A 614 -25.93 3.76 -25.97
C ASN A 614 -27.30 3.93 -26.62
N LYS A 615 -28.22 3.01 -26.35
CA LYS A 615 -29.55 3.09 -26.95
C LYS A 615 -30.28 4.34 -26.51
N GLN A 616 -30.19 4.68 -25.22
CA GLN A 616 -30.75 5.94 -24.75
C GLN A 616 -30.04 7.13 -25.39
N ALA A 617 -28.73 7.02 -25.61
CA ALA A 617 -28.00 8.07 -26.31
C ALA A 617 -28.35 8.08 -27.79
N ASP A 618 -28.30 6.90 -28.43
CA ASP A 618 -28.62 6.77 -29.85
C ASP A 618 -29.34 5.44 -30.06
N ARG A 619 -30.55 5.50 -30.62
CA ARG A 619 -31.34 4.29 -30.80
C ARG A 619 -30.65 3.29 -31.70
N SER A 620 -30.03 3.75 -32.78
CA SER A 620 -29.33 2.86 -33.70
C SER A 620 -28.20 3.59 -34.41
N LEU A 625 -23.78 -3.02 -32.50
CA LEU A 625 -25.11 -2.62 -32.05
C LEU A 625 -26.18 -3.12 -33.02
N LEU A 626 -26.88 -2.18 -33.66
CA LEU A 626 -27.92 -2.55 -34.61
C LEU A 626 -27.32 -3.09 -35.91
N PHE A 627 -26.33 -2.39 -36.46
CA PHE A 627 -25.69 -2.81 -37.70
C PHE A 627 -24.42 -3.63 -37.46
N TYR A 628 -24.07 -3.88 -36.20
CA TYR A 628 -22.87 -4.64 -35.85
C TYR A 628 -23.22 -5.86 -35.01
N GLY A 629 -24.27 -6.58 -35.39
CA GLY A 629 -24.66 -7.77 -34.66
C GLY A 629 -26.15 -7.98 -34.56
N VAL A 630 -26.93 -6.99 -35.00
CA VAL A 630 -28.39 -7.09 -35.00
C VAL A 630 -28.97 -6.95 -36.40
N GLY A 631 -28.13 -6.98 -37.43
CA GLY A 631 -28.59 -6.87 -38.80
C GLY A 631 -28.46 -5.48 -39.39
N THR A 676 -18.43 -13.36 -43.55
CA THR A 676 -18.78 -13.93 -42.24
C THR A 676 -19.98 -13.20 -41.65
N PRO A 677 -20.82 -13.93 -40.91
CA PRO A 677 -21.96 -13.31 -40.22
C PRO A 677 -21.47 -12.31 -39.19
N PRO A 678 -22.36 -11.46 -38.66
CA PRO A 678 -21.92 -10.49 -37.65
C PRO A 678 -21.27 -11.18 -36.46
N ILE A 679 -20.18 -10.58 -35.98
CA ILE A 679 -19.40 -11.19 -34.91
C ILE A 679 -20.20 -11.25 -33.61
N CYS A 680 -21.08 -10.28 -33.39
CA CYS A 680 -21.89 -10.27 -32.17
C CYS A 680 -22.87 -11.43 -32.15
N ARG A 681 -23.42 -11.79 -33.31
CA ARG A 681 -24.31 -12.95 -33.37
C ARG A 681 -23.58 -14.23 -32.99
N GLN A 682 -22.37 -14.41 -33.52
CA GLN A 682 -21.59 -15.59 -33.17
C GLN A 682 -21.19 -15.59 -31.70
N ALA A 683 -20.87 -14.41 -31.16
CA ALA A 683 -20.57 -14.30 -29.75
C ALA A 683 -21.76 -14.69 -28.89
N GLN A 684 -22.95 -14.23 -29.26
CA GLN A 684 -24.16 -14.61 -28.53
C GLN A 684 -24.44 -16.10 -28.66
N THR A 685 -24.14 -16.68 -29.81
CA THR A 685 -24.30 -18.11 -30.00
C THR A 685 -23.37 -18.89 -29.07
N LYS A 686 -22.11 -18.46 -28.98
CA LYS A 686 -21.19 -19.10 -28.04
C LYS A 686 -21.67 -18.91 -26.61
N LEU A 687 -22.19 -17.72 -26.30
CA LEU A 687 -22.74 -17.45 -24.98
C LEU A 687 -23.83 -18.45 -24.61
N GLU A 688 -24.82 -18.61 -25.49
CA GLU A 688 -25.93 -19.50 -25.17
C GLU A 688 -25.51 -20.96 -25.15
N VAL A 689 -24.56 -21.35 -26.01
CA VAL A 689 -24.06 -22.73 -25.99
C VAL A 689 -23.39 -23.01 -24.65
N ALA A 690 -22.50 -22.12 -24.23
CA ALA A 690 -21.82 -22.31 -22.95
C ALA A 690 -22.81 -22.29 -21.78
N LEU A 691 -23.83 -21.44 -21.86
CA LEU A 691 -24.83 -21.39 -20.80
C LEU A 691 -25.61 -22.70 -20.73
N TYR A 692 -25.98 -23.27 -21.88
CA TYR A 692 -26.62 -24.58 -21.89
C TYR A 692 -25.71 -25.65 -21.33
N MET A 693 -24.41 -25.55 -21.58
CA MET A 693 -23.46 -26.49 -20.97
C MET A 693 -23.48 -26.35 -19.44
N PHE A 694 -23.62 -25.13 -18.93
CA PHE A 694 -23.51 -24.89 -17.50
C PHE A 694 -24.60 -25.60 -16.71
N LEU A 695 -25.83 -25.65 -17.24
CA LEU A 695 -26.91 -26.34 -16.55
C LEU A 695 -26.61 -27.82 -16.36
N TRP A 696 -25.80 -28.39 -17.25
CA TRP A 696 -25.38 -29.79 -17.18
C TRP A 696 -24.20 -29.99 -16.24
N ASN A 697 -23.51 -28.93 -15.85
CA ASN A 697 -22.32 -29.08 -15.03
C ASN A 697 -22.66 -29.78 -13.71
N PRO A 698 -21.90 -30.80 -13.31
CA PRO A 698 -22.25 -31.57 -12.10
C PRO A 698 -22.12 -30.80 -10.81
N ASP A 699 -21.75 -29.51 -10.85
CA ASP A 699 -21.69 -28.70 -9.65
C ASP A 699 -23.11 -28.30 -9.24
N THR A 700 -23.22 -27.43 -8.23
CA THR A 700 -24.52 -26.99 -7.74
C THR A 700 -24.75 -25.49 -7.87
N GLU A 701 -23.76 -24.66 -7.54
CA GLU A 701 -23.93 -23.22 -7.60
C GLU A 701 -23.90 -22.69 -9.03
N ALA A 702 -23.38 -23.47 -9.97
CA ALA A 702 -23.27 -22.99 -11.35
C ALA A 702 -24.63 -22.87 -12.03
N VAL A 703 -25.63 -23.65 -11.61
CA VAL A 703 -26.94 -23.60 -12.22
C VAL A 703 -27.57 -22.23 -11.99
N LEU A 704 -27.45 -21.71 -10.76
CA LEU A 704 -27.96 -20.38 -10.47
C LEU A 704 -27.23 -19.32 -11.29
N VAL A 705 -25.92 -19.47 -11.46
CA VAL A 705 -25.17 -18.53 -12.28
C VAL A 705 -25.68 -18.54 -13.71
N ALA A 706 -25.88 -19.74 -14.28
CA ALA A 706 -26.37 -19.87 -15.64
C ALA A 706 -27.78 -19.32 -15.80
N MET A 707 -28.66 -19.52 -14.83
CA MET A 707 -30.00 -18.95 -14.87
C MET A 707 -30.01 -17.43 -14.76
N SER A 708 -29.15 -16.88 -13.90
CA SER A 708 -29.01 -15.42 -13.86
C SER A 708 -28.49 -14.90 -15.20
N CYS A 709 -27.57 -15.63 -15.82
CA CYS A 709 -27.08 -15.22 -17.14
C CYS A 709 -28.17 -15.34 -18.19
N PHE A 710 -29.04 -16.33 -18.07
CA PHE A 710 -30.21 -16.41 -18.96
C PHE A 710 -31.10 -15.19 -18.79
N ARG A 711 -31.35 -14.79 -17.53
CA ARG A 711 -32.16 -13.61 -17.27
C ARG A 711 -31.52 -12.37 -17.87
N HIS A 712 -30.20 -12.24 -17.76
CA HIS A 712 -29.52 -11.08 -18.32
C HIS A 712 -29.52 -11.09 -19.84
N LEU A 713 -29.41 -12.28 -20.45
CA LEU A 713 -29.54 -12.37 -21.91
C LEU A 713 -30.93 -11.95 -22.36
N CYS A 714 -31.97 -12.38 -21.63
CA CYS A 714 -33.32 -11.91 -21.95
C CYS A 714 -33.43 -10.41 -21.78
N GLU A 715 -32.82 -9.86 -20.73
CA GLU A 715 -32.86 -8.42 -20.51
C GLU A 715 -32.20 -7.66 -21.65
N GLU A 716 -31.05 -8.14 -22.12
CA GLU A 716 -30.36 -7.44 -23.21
C GLU A 716 -31.11 -7.59 -24.53
N ALA A 717 -31.75 -8.75 -24.73
CA ALA A 717 -32.59 -8.91 -25.92
C ALA A 717 -33.76 -7.94 -25.89
N ASP A 718 -34.36 -7.75 -24.72
CA ASP A 718 -35.43 -6.76 -24.58
C ASP A 718 -34.91 -5.34 -24.82
N ILE A 719 -33.72 -5.04 -24.30
CA ILE A 719 -33.16 -3.70 -24.44
C ILE A 719 -32.85 -3.39 -25.90
N ARG A 720 -32.32 -4.37 -26.63
CA ARG A 720 -32.01 -4.18 -28.05
C ARG A 720 -33.26 -3.96 -28.89
N CYS A 721 -34.44 -4.26 -28.36
CA CYS A 721 -35.68 -4.05 -29.09
C CYS A 721 -36.54 -2.97 -28.42
#